data_4M43
#
_entry.id   4M43
#
_cell.length_a   85.431
_cell.length_b   123.147
_cell.length_c   42.456
_cell.angle_alpha   90.00
_cell.angle_beta   90.00
_cell.angle_gamma   90.00
#
_symmetry.space_group_name_H-M   'P 21 21 2'
#
loop_
_entity.id
_entity.type
_entity.pdbx_description
1 polymer 'Fragment antigen-binding 523-11 light chain'
2 polymer 'Fragment antigen-binding 523-11 heavy chain'
3 non-polymer 'SULFATE ION'
4 non-polymer GLYCEROL
5 water water
#
loop_
_entity_poly.entity_id
_entity_poly.type
_entity_poly.pdbx_seq_one_letter_code
_entity_poly.pdbx_strand_id
1 'polypeptide(L)'
;ELVMTQSPAILSVSPGERVSFSCRASQIIGTSIHWYQQRTNGSPRLLIKYASESISGIPSRFSGSGSGTDFTLTINSVES
DDIADYYCQQSNSWPVTFGAGTKLELKRADAAPTVSIFPPSSEQLTSGGASVVCFLNNFYPKDINVKWKIDGSERQNGVL
NSWTDQDSKDSTYSMSSTLTLTKDEYERHNSYTCEATHKTSTSPIVKSFNRAA
;
L
2 'polypeptide(L)'
;EVQLQQFGAELVKPGASVKISCKASGYTFTDYNMDWVKQSHGKSLQWIGDISPYYGSTGYSQKFKGKATLTVDRSSSTAY
MELRSLTSEDTAVYYCARRNYDGSWFAYWGQGTLVTVSSAKTTAPSVYPLAPVCGDTTGSSVTLGCLVKGYFPEPVTLTW
NSGSLSSGVHTFPAVLQSDLYTLSSSVTVTSSTWPSQSITCNVAHPASSTKVDKKIEPR
;
H
#
# COMPACT_ATOMS: atom_id res chain seq x y z
N GLU A 1 8.63 12.28 -23.71
CA GLU A 1 7.73 12.94 -22.75
C GLU A 1 8.49 13.71 -21.69
N LEU A 2 7.80 14.62 -21.03
CA LEU A 2 8.43 15.46 -20.02
CA LEU A 2 8.40 15.47 -20.01
C LEU A 2 8.51 14.78 -18.67
N VAL A 3 9.75 14.65 -18.19
CA VAL A 3 9.94 13.95 -16.91
C VAL A 3 9.94 14.93 -15.75
N MET A 4 9.26 14.53 -14.69
CA MET A 4 9.16 15.34 -13.48
CA MET A 4 9.18 15.34 -13.47
C MET A 4 9.77 14.57 -12.32
N THR A 5 10.78 15.15 -11.70
CA THR A 5 11.41 14.51 -10.57
C THR A 5 11.14 15.32 -9.31
N GLN A 6 10.59 14.64 -8.32
CA GLN A 6 10.20 15.27 -7.07
C GLN A 6 11.17 14.87 -5.98
N SER A 7 11.42 15.79 -5.08
CA SER A 7 12.36 15.54 -4.01
C SER A 7 12.01 16.40 -2.81
N PRO A 8 12.22 15.88 -1.60
CA PRO A 8 12.62 14.52 -1.24
C PRO A 8 11.50 13.51 -1.41
N ALA A 9 11.83 12.23 -1.50
CA ALA A 9 10.79 11.23 -1.69
C ALA A 9 10.00 11.12 -0.39
N ILE A 10 10.69 11.33 0.73
CA ILE A 10 10.01 11.35 2.04
C ILE A 10 10.49 12.53 2.86
N LEU A 11 9.55 13.21 3.49
CA LEU A 11 9.87 14.35 4.34
C LEU A 11 9.23 14.11 5.71
N SER A 12 10.05 14.15 6.75
CA SER A 12 9.56 13.94 8.11
C SER A 12 9.28 15.29 8.75
N VAL A 13 8.07 15.51 9.25
CA VAL A 13 7.65 16.83 9.68
C VAL A 13 7.04 16.81 11.07
N SER A 14 6.89 17.99 11.66
CA SER A 14 6.12 18.16 12.90
C SER A 14 5.05 19.22 12.69
N PRO A 15 3.89 19.04 13.28
CA PRO A 15 2.92 20.12 13.09
C PRO A 15 3.50 21.48 13.51
N GLY A 16 3.17 22.53 12.77
CA GLY A 16 3.60 23.88 13.09
C GLY A 16 4.82 24.32 12.31
N GLU A 17 5.51 23.35 11.73
CA GLU A 17 6.69 23.62 10.93
C GLU A 17 6.31 24.24 9.60
N ARG A 18 7.26 24.95 9.01
CA ARG A 18 7.14 25.37 7.63
C ARG A 18 8.03 24.44 6.81
N VAL A 19 7.46 23.77 5.80
CA VAL A 19 8.24 22.82 5.00
C VAL A 19 7.99 23.00 3.51
N SER A 20 8.97 22.59 2.72
CA SER A 20 8.86 22.77 1.28
C SER A 20 9.45 21.55 0.60
N PHE A 21 9.00 21.33 -0.64
CA PHE A 21 9.51 20.25 -1.44
C PHE A 21 9.45 20.60 -2.93
N SER A 22 10.18 19.83 -3.74
CA SER A 22 10.57 20.24 -5.09
C SER A 22 9.99 19.36 -6.20
N CYS A 23 9.72 19.99 -7.34
CA CYS A 23 9.35 19.31 -8.57
C CYS A 23 10.17 19.92 -9.72
N ARG A 24 11.03 19.12 -10.34
CA ARG A 24 11.94 19.56 -11.38
C ARG A 24 11.60 18.89 -12.70
N ALA A 25 11.35 19.71 -13.71
CA ALA A 25 11.01 19.22 -15.03
C ALA A 25 12.24 19.08 -15.92
N SER A 26 12.20 18.11 -16.82
CA SER A 26 13.33 17.86 -17.69
C SER A 26 13.51 18.88 -18.82
N GLN A 27 12.54 19.76 -19.00
CA GLN A 27 12.71 20.91 -19.90
C GLN A 27 11.95 22.08 -19.30
N ILE A 28 12.14 23.25 -19.88
CA ILE A 28 11.42 24.45 -19.48
C ILE A 28 9.92 24.23 -19.70
N ILE A 29 9.09 24.48 -18.70
CA ILE A 29 7.65 24.37 -18.90
C ILE A 29 6.88 25.62 -18.49
N GLY A 30 7.58 26.74 -18.40
CA GLY A 30 6.96 27.99 -18.00
C GLY A 30 6.45 27.89 -16.59
N THR A 31 5.15 28.09 -16.41
CA THR A 31 4.52 27.89 -15.11
C THR A 31 3.44 26.77 -15.19
N SER A 32 3.54 25.91 -16.19
CA SER A 32 2.54 24.90 -16.44
C SER A 32 2.72 23.64 -15.58
N ILE A 33 2.72 23.85 -14.26
CA ILE A 33 2.80 22.76 -13.29
C ILE A 33 1.65 22.93 -12.32
N HIS A 34 1.13 21.80 -11.81
CA HIS A 34 0.01 21.81 -10.92
C HIS A 34 0.30 20.76 -9.82
N TRP A 35 -0.19 21.02 -8.62
CA TRP A 35 0.13 20.22 -7.45
C TRP A 35 -1.13 19.64 -6.86
N TYR A 36 -1.03 18.39 -6.42
CA TYR A 36 -2.11 17.62 -5.84
C TYR A 36 -1.72 17.02 -4.50
N GLN A 37 -2.67 16.97 -3.57
CA GLN A 37 -2.54 16.21 -2.34
C GLN A 37 -3.33 14.93 -2.46
N GLN A 38 -2.83 13.86 -1.86
CA GLN A 38 -3.58 12.63 -1.77
C GLN A 38 -3.35 12.03 -0.40
N ARG A 39 -4.42 11.98 0.39
CA ARG A 39 -4.37 11.38 1.71
C ARG A 39 -4.57 9.88 1.57
N THR A 40 -4.20 9.13 2.60
CA THR A 40 -4.37 7.68 2.57
C THR A 40 -5.81 7.29 2.27
N ASN A 41 -5.98 6.38 1.31
CA ASN A 41 -7.30 5.92 0.86
C ASN A 41 -8.18 7.00 0.22
N GLY A 42 -7.57 8.13 -0.13
CA GLY A 42 -8.29 9.24 -0.73
C GLY A 42 -7.96 9.41 -2.21
N SER A 43 -8.76 10.22 -2.88
CA SER A 43 -8.48 10.66 -4.24
C SER A 43 -7.60 11.91 -4.27
N PRO A 44 -6.93 12.16 -5.40
CA PRO A 44 -6.09 13.37 -5.47
C PRO A 44 -6.94 14.62 -5.38
N ARG A 45 -6.37 15.69 -4.82
CA ARG A 45 -7.08 16.93 -4.64
C ARG A 45 -6.15 18.06 -5.11
N LEU A 46 -6.55 18.83 -6.12
CA LEU A 46 -5.71 19.92 -6.59
C LEU A 46 -5.54 20.96 -5.49
N LEU A 47 -4.30 21.41 -5.27
CA LEU A 47 -3.99 22.46 -4.30
C LEU A 47 -3.56 23.78 -4.94
N ILE A 48 -2.74 23.69 -5.99
CA ILE A 48 -2.16 24.84 -6.64
C ILE A 48 -2.18 24.56 -8.13
N LYS A 49 -2.53 25.57 -8.90
CA LYS A 49 -2.52 25.44 -10.35
C LYS A 49 -1.61 26.52 -10.94
N TYR A 50 -1.04 26.22 -12.10
CA TYR A 50 -0.11 27.09 -12.80
C TYR A 50 0.95 27.66 -11.86
N ALA A 51 1.61 26.73 -11.16
CA ALA A 51 2.76 26.97 -10.28
C ALA A 51 2.47 27.71 -8.98
N SER A 52 1.65 28.75 -9.03
CA SER A 52 1.48 29.60 -7.85
C SER A 52 0.05 30.01 -7.57
N GLU A 53 -0.87 29.62 -8.43
CA GLU A 53 -2.22 30.17 -8.32
C GLU A 53 -3.09 29.40 -7.34
N SER A 54 -3.76 30.17 -6.48
CA SER A 54 -4.56 29.60 -5.41
C SER A 54 -5.83 29.01 -5.97
N ILE A 55 -6.37 28.05 -5.24
CA ILE A 55 -7.59 27.33 -5.63
C ILE A 55 -8.62 27.56 -4.54
N SER A 56 -9.87 27.80 -4.91
CA SER A 56 -10.90 28.02 -3.89
C SER A 56 -11.07 26.82 -2.94
N GLY A 57 -11.13 27.08 -1.65
CA GLY A 57 -11.39 26.04 -0.66
C GLY A 57 -10.14 25.36 -0.11
N ILE A 58 -8.98 25.74 -0.63
CA ILE A 58 -7.68 25.20 -0.20
C ILE A 58 -7.06 26.16 0.82
N PRO A 59 -6.66 25.67 1.99
CA PRO A 59 -6.13 26.62 2.98
C PRO A 59 -4.91 27.43 2.52
N SER A 60 -4.80 28.63 3.08
CA SER A 60 -3.70 29.54 2.76
C SER A 60 -2.34 28.98 3.15
N ARG A 61 -2.32 27.88 3.91
CA ARG A 61 -1.07 27.21 4.28
C ARG A 61 -0.27 26.79 3.05
N PHE A 62 -0.98 26.45 1.98
CA PHE A 62 -0.31 25.96 0.78
C PHE A 62 0.04 27.06 -0.19
N SER A 63 1.30 27.12 -0.59
CA SER A 63 1.70 28.09 -1.59
C SER A 63 2.73 27.49 -2.53
N GLY A 64 2.61 27.81 -3.81
CA GLY A 64 3.54 27.29 -4.81
C GLY A 64 4.39 28.37 -5.42
N SER A 65 5.59 28.03 -5.86
CA SER A 65 6.38 29.02 -6.59
C SER A 65 7.26 28.37 -7.63
N GLY A 66 7.89 29.21 -8.44
CA GLY A 66 8.88 28.76 -9.38
C GLY A 66 8.35 28.95 -10.80
N SER A 67 9.25 28.82 -11.76
CA SER A 67 8.92 28.97 -13.15
C SER A 67 10.12 28.45 -13.90
N GLY A 68 9.91 27.98 -15.12
CA GLY A 68 11.01 27.37 -15.84
C GLY A 68 11.09 25.87 -15.66
N THR A 69 12.04 25.38 -14.88
CA THR A 69 12.13 23.95 -14.62
C THR A 69 11.96 23.57 -13.14
N ASP A 70 12.08 24.55 -12.25
CA ASP A 70 12.21 24.28 -10.83
C ASP A 70 11.03 24.81 -10.06
N PHE A 71 10.27 23.91 -9.47
CA PHE A 71 9.05 24.30 -8.81
C PHE A 71 9.05 23.83 -7.38
N THR A 72 8.39 24.61 -6.53
CA THR A 72 8.37 24.35 -5.09
C THR A 72 6.98 24.50 -4.51
N LEU A 73 6.57 23.53 -3.71
CA LEU A 73 5.38 23.64 -2.91
C LEU A 73 5.81 23.82 -1.47
N THR A 74 5.23 24.81 -0.82
CA THR A 74 5.56 25.13 0.55
C THR A 74 4.31 25.00 1.37
N ILE A 75 4.42 24.36 2.53
CA ILE A 75 3.34 24.32 3.48
C ILE A 75 3.80 25.13 4.67
N ASN A 76 3.20 26.30 4.85
CA ASN A 76 3.53 27.15 5.99
C ASN A 76 2.66 26.72 7.15
N SER A 77 3.29 26.18 8.19
CA SER A 77 2.57 25.75 9.39
C SER A 77 1.83 24.42 9.15
N VAL A 78 2.60 23.35 8.94
CA VAL A 78 2.02 22.03 8.71
C VAL A 78 1.01 21.62 9.77
N GLU A 79 -0.04 20.93 9.35
CA GLU A 79 -0.99 20.32 10.27
C GLU A 79 -1.05 18.83 10.04
N SER A 80 -1.62 18.10 11.00
CA SER A 80 -1.57 16.65 11.01
C SER A 80 -2.29 16.12 9.77
N ASP A 81 -3.32 16.82 9.34
CA ASP A 81 -4.08 16.40 8.17
C ASP A 81 -3.32 16.62 6.86
N ASP A 82 -2.21 17.35 6.92
CA ASP A 82 -1.35 17.48 5.74
C ASP A 82 -0.46 16.25 5.52
N ILE A 83 -0.41 15.34 6.48
CA ILE A 83 0.32 14.08 6.28
C ILE A 83 -0.34 13.31 5.15
N ALA A 84 0.33 13.24 4.01
CA ALA A 84 -0.28 12.79 2.77
C ALA A 84 0.81 12.70 1.72
N ASP A 85 0.44 12.26 0.52
CA ASP A 85 1.37 12.29 -0.63
C ASP A 85 1.06 13.55 -1.44
N TYR A 86 2.09 14.10 -2.08
CA TYR A 86 1.95 15.29 -2.91
C TYR A 86 2.55 15.02 -4.28
N TYR A 87 1.77 15.25 -5.33
CA TYR A 87 2.24 15.06 -6.71
C TYR A 87 2.19 16.33 -7.56
N CYS A 88 3.20 16.51 -8.40
CA CYS A 88 3.17 17.57 -9.42
C CYS A 88 2.82 16.98 -10.79
N GLN A 89 2.28 17.80 -11.68
CA GLN A 89 1.82 17.34 -12.99
C GLN A 89 1.99 18.51 -13.98
N GLN A 90 2.50 18.23 -15.17
CA GLN A 90 2.77 19.29 -16.12
C GLN A 90 1.76 19.24 -17.25
N SER A 91 1.43 20.42 -17.79
CA SER A 91 0.51 20.53 -18.92
C SER A 91 1.12 21.35 -20.07
N ASN A 92 2.45 21.47 -20.09
CA ASN A 92 3.18 22.16 -21.17
C ASN A 92 3.04 21.48 -22.51
N SER A 93 3.28 20.17 -22.55
CA SER A 93 3.26 19.41 -23.79
C SER A 93 2.44 18.16 -23.62
N TRP A 94 1.84 17.69 -24.70
CA TRP A 94 1.16 16.39 -24.66
C TRP A 94 2.23 15.30 -24.64
N PRO A 95 2.08 14.24 -23.82
CA PRO A 95 1.02 13.92 -22.86
C PRO A 95 1.30 14.51 -21.50
N VAL A 96 0.26 14.77 -20.73
CA VAL A 96 0.48 15.19 -19.34
C VAL A 96 1.28 14.09 -18.68
N THR A 97 2.08 14.45 -17.69
CA THR A 97 2.91 13.49 -16.96
C THR A 97 2.88 13.93 -15.51
N PHE A 98 3.19 13.01 -14.62
CA PHE A 98 3.22 13.25 -13.17
C PHE A 98 4.57 12.92 -12.56
N GLY A 99 4.88 13.63 -11.48
CA GLY A 99 6.05 13.29 -10.68
C GLY A 99 5.75 12.03 -9.88
N ALA A 100 6.77 11.45 -9.25
CA ALA A 100 6.56 10.19 -8.48
C ALA A 100 6.19 10.42 -7.00
N GLY A 101 6.08 11.68 -6.63
CA GLY A 101 5.56 12.05 -5.32
C GLY A 101 6.57 12.37 -4.23
N THR A 102 6.12 13.22 -3.31
CA THR A 102 6.77 13.43 -2.03
C THR A 102 5.77 13.00 -0.93
N LYS A 103 6.20 12.12 -0.03
CA LYS A 103 5.39 11.64 1.06
C LYS A 103 5.76 12.35 2.35
N LEU A 104 4.79 12.92 3.04
CA LEU A 104 5.05 13.48 4.36
C LEU A 104 4.77 12.43 5.44
N GLU A 105 5.60 12.38 6.47
CA GLU A 105 5.29 11.58 7.64
C GLU A 105 5.65 12.37 8.88
N LEU A 106 5.26 11.86 10.04
CA LEU A 106 5.58 12.53 11.29
C LEU A 106 6.92 12.14 11.85
N LYS A 107 7.68 13.14 12.29
CA LYS A 107 8.96 12.87 12.88
C LYS A 107 8.79 12.40 14.32
N ARG A 108 9.64 11.48 14.73
CA ARG A 108 9.78 11.08 16.12
C ARG A 108 11.23 10.64 16.35
N ALA A 109 11.55 10.21 17.57
CA ALA A 109 12.91 9.80 17.88
C ALA A 109 13.17 8.43 17.27
N ASP A 110 14.44 8.13 16.99
CA ASP A 110 14.82 6.80 16.50
C ASP A 110 14.30 5.75 17.46
N ALA A 111 13.89 4.61 16.92
CA ALA A 111 13.48 3.47 17.76
C ALA A 111 13.91 2.20 17.05
N ALA A 112 14.60 1.34 17.79
CA ALA A 112 15.09 0.08 17.24
C ALA A 112 13.95 -0.92 17.19
N PRO A 113 13.91 -1.75 16.14
CA PRO A 113 12.80 -2.69 16.04
C PRO A 113 12.90 -3.79 17.10
N THR A 114 11.74 -4.27 17.55
CA THR A 114 11.68 -5.45 18.38
C THR A 114 11.41 -6.63 17.43
N VAL A 115 12.35 -7.54 17.36
CA VAL A 115 12.30 -8.59 16.34
C VAL A 115 12.04 -9.94 16.99
N SER A 116 11.06 -10.66 16.45
CA SER A 116 10.63 -11.94 16.97
C SER A 116 10.55 -12.94 15.81
N ILE A 117 11.04 -14.17 16.02
CA ILE A 117 10.97 -15.19 14.99
C ILE A 117 10.13 -16.37 15.43
N PHE A 118 9.40 -16.97 14.48
CA PHE A 118 8.45 -18.06 14.77
C PHE A 118 8.57 -19.20 13.79
N PRO A 119 9.00 -20.38 14.28
CA PRO A 119 9.05 -21.57 13.44
C PRO A 119 7.66 -21.97 13.00
N PRO A 120 7.55 -22.82 11.97
CA PRO A 120 6.23 -23.28 11.53
C PRO A 120 5.51 -23.96 12.66
N SER A 121 4.21 -23.77 12.68
CA SER A 121 3.35 -24.50 13.62
C SER A 121 3.26 -25.98 13.23
N SER A 122 3.13 -26.85 14.23
CA SER A 122 2.90 -28.26 13.97
C SER A 122 1.68 -28.47 13.07
N GLU A 123 0.67 -27.63 13.21
CA GLU A 123 -0.52 -27.75 12.37
C GLU A 123 -0.18 -27.53 10.89
N GLN A 124 0.64 -26.55 10.60
CA GLN A 124 0.97 -26.32 9.18
C GLN A 124 1.83 -27.45 8.62
N LEU A 125 2.81 -27.92 9.39
CA LEU A 125 3.69 -28.99 8.94
C LEU A 125 2.89 -30.26 8.61
N THR A 126 1.92 -30.57 9.46
CA THR A 126 1.08 -31.74 9.25
C THR A 126 0.33 -31.63 7.92
N SER A 127 0.04 -30.41 7.49
CA SER A 127 -0.64 -30.18 6.23
C SER A 127 0.30 -30.07 5.03
N GLY A 128 1.60 -30.02 5.29
CA GLY A 128 2.59 -30.14 4.23
C GLY A 128 3.37 -28.88 3.91
N GLY A 129 3.13 -27.81 4.67
CA GLY A 129 3.80 -26.54 4.41
C GLY A 129 4.65 -26.11 5.60
N ALA A 130 5.45 -25.07 5.39
CA ALA A 130 6.30 -24.60 6.46
C ALA A 130 6.62 -23.11 6.30
N SER A 131 5.85 -22.27 7.00
CA SER A 131 6.10 -20.84 7.06
C SER A 131 6.86 -20.49 8.30
N VAL A 132 7.94 -19.71 8.11
CA VAL A 132 8.68 -19.12 9.19
C VAL A 132 8.36 -17.64 9.20
N VAL A 133 7.96 -17.12 10.35
CA VAL A 133 7.51 -15.72 10.42
C VAL A 133 8.45 -14.88 11.26
N CYS A 134 8.66 -13.64 10.83
CA CYS A 134 9.49 -12.72 11.58
C CYS A 134 8.72 -11.40 11.71
N PHE A 135 8.48 -10.95 12.94
CA PHE A 135 7.86 -9.64 13.16
C PHE A 135 8.97 -8.68 13.56
N LEU A 136 8.93 -7.48 13.01
CA LEU A 136 9.90 -6.42 13.34
C LEU A 136 9.03 -5.23 13.69
N ASN A 137 8.92 -4.96 14.97
CA ASN A 137 7.88 -4.10 15.46
C ASN A 137 8.37 -2.82 16.09
N ASN A 138 7.57 -1.78 15.87
CA ASN A 138 7.69 -0.49 16.54
C ASN A 138 9.05 0.17 16.38
N PHE A 139 9.46 0.33 15.13
CA PHE A 139 10.70 1.00 14.79
C PHE A 139 10.52 2.36 14.10
N TYR A 140 11.61 3.11 14.06
CA TYR A 140 11.64 4.41 13.40
C TYR A 140 13.12 4.76 13.19
N PRO A 141 13.52 5.17 11.97
CA PRO A 141 12.66 5.50 10.82
C PRO A 141 12.11 4.29 10.05
N LYS A 142 11.29 4.56 9.04
CA LYS A 142 10.49 3.53 8.38
C LYS A 142 11.28 2.54 7.55
N ASP A 143 12.42 2.98 7.01
CA ASP A 143 13.20 2.10 6.16
C ASP A 143 13.89 1.01 6.96
N ILE A 144 13.80 -0.21 6.45
CA ILE A 144 14.35 -1.39 7.11
C ILE A 144 14.60 -2.46 6.07
N ASN A 145 15.64 -3.25 6.27
CA ASN A 145 15.87 -4.39 5.40
C ASN A 145 15.85 -5.69 6.17
N VAL A 146 15.23 -6.70 5.58
CA VAL A 146 15.17 -8.02 6.20
C VAL A 146 15.71 -9.04 5.25
N LYS A 147 16.63 -9.87 5.74
CA LYS A 147 17.17 -11.00 5.00
C LYS A 147 16.79 -12.28 5.67
N TRP A 148 16.41 -13.29 4.89
CA TRP A 148 16.27 -14.64 5.41
C TRP A 148 17.50 -15.47 5.06
N LYS A 149 17.99 -16.23 6.02
CA LYS A 149 19.07 -17.18 5.75
C LYS A 149 18.68 -18.57 6.22
N ILE A 150 19.02 -19.55 5.39
CA ILE A 150 18.83 -20.96 5.69
C ILE A 150 20.23 -21.60 5.73
N ASP A 151 20.62 -22.14 6.88
CA ASP A 151 21.95 -22.71 7.04
C ASP A 151 23.03 -21.73 6.57
N GLY A 152 22.83 -20.46 6.91
CA GLY A 152 23.79 -19.42 6.60
C GLY A 152 23.73 -18.84 5.19
N SER A 153 22.86 -19.36 4.33
CA SER A 153 22.72 -18.87 2.96
C SER A 153 21.46 -18.06 2.76
N GLU A 154 21.62 -16.88 2.19
CA GLU A 154 20.49 -16.01 1.87
C GLU A 154 19.46 -16.70 0.97
N ARG A 155 18.20 -16.44 1.25
CA ARG A 155 17.09 -16.99 0.48
C ARG A 155 16.10 -15.87 0.16
N GLN A 156 15.79 -15.67 -1.13
CA GLN A 156 14.90 -14.57 -1.56
C GLN A 156 13.54 -15.02 -2.09
N ASN A 157 13.47 -16.18 -2.73
CA ASN A 157 12.17 -16.76 -3.12
C ASN A 157 11.36 -17.27 -1.94
N GLY A 158 10.05 -17.19 -2.05
CA GLY A 158 9.19 -17.72 -1.02
C GLY A 158 8.96 -16.75 0.13
N VAL A 159 9.32 -15.48 -0.08
CA VAL A 159 9.18 -14.45 0.95
C VAL A 159 8.03 -13.50 0.69
N LEU A 160 7.25 -13.24 1.72
CA LEU A 160 6.14 -12.30 1.63
C LEU A 160 6.24 -11.28 2.75
N ASN A 161 6.31 -9.99 2.39
CA ASN A 161 6.47 -8.92 3.38
C ASN A 161 5.25 -8.05 3.42
N SER A 162 4.91 -7.57 4.63
CA SER A 162 3.85 -6.61 4.80
C SER A 162 4.27 -5.54 5.77
N TRP A 163 3.93 -4.28 5.44
CA TRP A 163 4.29 -3.14 6.27
C TRP A 163 3.04 -2.38 6.76
N THR A 164 3.01 -2.05 8.04
CA THR A 164 1.95 -1.16 8.54
C THR A 164 2.24 0.30 8.17
N ASP A 165 1.17 1.07 8.13
CA ASP A 165 1.23 2.52 8.06
C ASP A 165 1.78 3.06 9.37
N GLN A 166 2.18 4.33 9.36
CA GLN A 166 2.72 4.96 10.57
C GLN A 166 1.69 4.91 11.71
N ASP A 167 2.10 4.43 12.88
CA ASP A 167 1.17 4.23 14.00
C ASP A 167 0.64 5.58 14.54
N SER A 168 -0.69 5.71 14.61
CA SER A 168 -1.31 7.00 14.96
C SER A 168 -1.11 7.37 16.43
N LYS A 169 -0.61 6.41 17.20
CA LYS A 169 -0.34 6.63 18.61
C LYS A 169 1.14 6.97 18.92
N ASP A 170 2.11 6.22 18.37
CA ASP A 170 3.52 6.50 18.69
C ASP A 170 4.44 6.75 17.48
N SER A 171 3.85 6.88 16.30
CA SER A 171 4.55 7.27 15.07
C SER A 171 5.66 6.30 14.63
N THR A 172 5.57 5.06 15.10
CA THR A 172 6.47 4.03 14.62
C THR A 172 5.89 3.25 13.44
N TYR A 173 6.74 2.39 12.90
CA TYR A 173 6.39 1.46 11.84
C TYR A 173 6.59 0.01 12.28
N SER A 174 5.85 -0.91 11.66
CA SER A 174 6.10 -2.32 11.90
C SER A 174 6.07 -3.09 10.58
N MET A 175 6.63 -4.29 10.64
CA MET A 175 6.81 -5.13 9.47
C MET A 175 6.64 -6.61 9.80
N SER A 176 6.01 -7.35 8.90
CA SER A 176 5.93 -8.80 9.00
C SER A 176 6.59 -9.40 7.75
N SER A 177 7.46 -10.39 7.96
CA SER A 177 8.07 -11.09 6.84
C SER A 177 7.87 -12.57 7.06
N THR A 178 7.37 -13.26 6.05
CA THR A 178 7.12 -14.69 6.11
C THR A 178 7.86 -15.42 4.99
N LEU A 179 8.67 -16.42 5.36
CA LEU A 179 9.34 -17.31 4.42
C LEU A 179 8.58 -18.60 4.38
N THR A 180 8.08 -18.97 3.20
CA THR A 180 7.29 -20.18 3.09
C THR A 180 7.97 -21.20 2.22
N LEU A 181 8.14 -22.40 2.79
CA LEU A 181 8.74 -23.56 2.15
C LEU A 181 7.73 -24.70 2.25
N THR A 182 7.99 -25.80 1.57
CA THR A 182 7.31 -27.06 1.78
C THR A 182 7.85 -27.70 3.05
N LYS A 183 7.06 -28.56 3.70
CA LYS A 183 7.54 -29.29 4.86
C LYS A 183 8.82 -30.05 4.54
N ASP A 184 8.82 -30.78 3.44
CA ASP A 184 10.02 -31.54 3.07
C ASP A 184 11.26 -30.66 2.88
N GLU A 185 11.07 -29.51 2.24
CA GLU A 185 12.14 -28.55 2.05
C GLU A 185 12.65 -28.06 3.40
N TYR A 186 11.73 -27.68 4.27
CA TYR A 186 12.06 -27.18 5.61
C TYR A 186 12.92 -28.20 6.36
N GLU A 187 12.63 -29.48 6.15
CA GLU A 187 13.25 -30.51 6.96
C GLU A 187 14.59 -30.91 6.38
N ARG A 188 14.98 -30.28 5.28
CA ARG A 188 16.34 -30.43 4.77
C ARG A 188 17.39 -29.47 5.33
N HIS A 189 17.02 -28.59 6.25
CA HIS A 189 18.01 -27.66 6.78
C HIS A 189 17.88 -27.56 8.28
N ASN A 190 18.89 -27.01 8.91
CA ASN A 190 18.90 -26.90 10.35
C ASN A 190 18.66 -25.47 10.87
N SER A 191 19.42 -24.49 10.39
CA SER A 191 19.31 -23.13 10.94
C SER A 191 18.40 -22.24 10.09
N TYR A 192 17.59 -21.44 10.77
CA TYR A 192 16.73 -20.45 10.12
C TYR A 192 16.94 -19.10 10.79
N THR A 193 17.20 -18.08 9.99
CA THR A 193 17.56 -16.78 10.52
C THR A 193 16.82 -15.64 9.82
N CYS A 194 16.28 -14.73 10.64
CA CYS A 194 15.70 -13.48 10.18
C CYS A 194 16.73 -12.44 10.62
N GLU A 195 17.30 -11.70 9.67
CA GLU A 195 18.34 -10.73 9.99
C GLU A 195 17.90 -9.39 9.50
N ALA A 196 17.90 -8.40 10.38
CA ALA A 196 17.36 -7.08 10.05
C ALA A 196 18.44 -6.04 10.13
N THR A 197 18.44 -5.07 9.22
CA THR A 197 19.28 -3.90 9.41
C THR A 197 18.44 -2.66 9.34
N HIS A 198 18.85 -1.64 10.10
CA HIS A 198 18.07 -0.46 10.33
C HIS A 198 19.07 0.64 10.68
N LYS A 199 18.60 1.87 10.67
CA LYS A 199 19.42 3.01 11.08
C LYS A 199 20.00 2.74 12.46
N THR A 200 19.19 2.17 13.33
CA THR A 200 19.58 2.01 14.72
C THR A 200 20.54 0.84 14.95
N SER A 201 20.79 0.04 13.92
CA SER A 201 21.51 -1.24 14.09
C SER A 201 23.03 -1.11 14.08
N THR A 202 23.67 -1.18 15.25
CA THR A 202 25.15 -1.15 15.35
C THR A 202 25.73 -2.45 14.78
N SER A 203 25.00 -3.52 14.98
CA SER A 203 25.22 -4.79 14.32
C SER A 203 23.87 -5.23 13.79
N PRO A 204 23.84 -5.99 12.67
CA PRO A 204 22.52 -6.46 12.23
C PRO A 204 21.81 -7.23 13.34
N ILE A 205 20.50 -7.07 13.44
CA ILE A 205 19.70 -7.78 14.45
C ILE A 205 19.46 -9.18 13.94
N VAL A 206 19.81 -10.19 14.73
CA VAL A 206 19.78 -11.57 14.26
C VAL A 206 18.88 -12.34 15.16
N LYS A 207 17.82 -12.92 14.60
CA LYS A 207 16.97 -13.81 15.38
C LYS A 207 16.98 -15.14 14.66
N SER A 208 17.34 -16.20 15.36
CA SER A 208 17.41 -17.47 14.68
C SER A 208 17.05 -18.63 15.59
N PHE A 209 16.90 -19.79 14.96
CA PHE A 209 16.65 -21.02 15.67
C PHE A 209 17.11 -22.19 14.83
N ASN A 210 17.44 -23.30 15.51
CA ASN A 210 17.76 -24.57 14.89
C ASN A 210 16.61 -25.54 15.09
N ARG A 211 16.31 -26.35 14.09
CA ARG A 211 15.33 -27.43 14.28
C ARG A 211 15.85 -28.50 15.22
N ALA A 212 17.18 -28.57 15.35
CA ALA A 212 17.82 -29.46 16.30
C ALA A 212 18.59 -28.67 17.38
N ALA A 213 17.95 -27.60 17.87
CA ALA A 213 18.56 -26.64 18.79
C ALA A 213 20.11 -26.70 18.83
N GLU B 1 -23.29 19.80 -8.00
CA GLU B 1 -21.96 19.24 -7.65
C GLU B 1 -21.56 18.24 -8.75
N VAL B 2 -20.36 18.39 -9.30
CA VAL B 2 -19.82 17.38 -10.20
C VAL B 2 -19.60 16.06 -9.48
N GLN B 3 -19.98 14.98 -10.14
CA GLN B 3 -19.74 13.66 -9.61
C GLN B 3 -19.19 12.77 -10.72
N LEU B 4 -18.14 12.04 -10.39
CA LEU B 4 -17.68 10.96 -11.23
C LEU B 4 -17.80 9.69 -10.41
N GLN B 5 -18.82 8.89 -10.69
CA GLN B 5 -19.13 7.72 -9.86
C GLN B 5 -18.46 6.45 -10.41
N GLN B 6 -17.69 5.77 -9.56
CA GLN B 6 -17.05 4.53 -9.91
C GLN B 6 -17.40 3.49 -8.84
N PHE B 7 -17.49 2.23 -9.24
CA PHE B 7 -17.61 1.18 -8.26
C PHE B 7 -16.30 1.05 -7.48
N GLY B 8 -16.38 0.61 -6.23
CA GLY B 8 -15.19 0.51 -5.39
C GLY B 8 -14.15 -0.48 -5.85
N ALA B 9 -14.61 -1.59 -6.44
CA ALA B 9 -13.71 -2.70 -6.77
C ALA B 9 -14.28 -3.68 -7.78
N GLU B 10 -13.38 -4.36 -8.48
CA GLU B 10 -13.73 -5.42 -9.42
C GLU B 10 -12.71 -6.52 -9.27
N LEU B 11 -13.13 -7.74 -9.54
CA LEU B 11 -12.25 -8.89 -9.46
C LEU B 11 -12.23 -9.55 -10.84
N VAL B 12 -11.04 -9.83 -11.34
CA VAL B 12 -10.91 -10.38 -12.68
C VAL B 12 -9.82 -11.43 -12.77
N LYS B 13 -9.99 -12.41 -13.66
CA LYS B 13 -9.01 -13.47 -13.81
C LYS B 13 -7.89 -13.08 -14.77
N PRO B 14 -6.70 -13.65 -14.56
CA PRO B 14 -5.58 -13.41 -15.47
C PRO B 14 -5.97 -13.84 -16.86
N GLY B 15 -5.63 -13.03 -17.87
CA GLY B 15 -5.96 -13.36 -19.24
C GLY B 15 -7.32 -12.85 -19.66
N ALA B 16 -8.21 -12.60 -18.72
CA ALA B 16 -9.49 -12.02 -19.10
C ALA B 16 -9.35 -10.51 -19.34
N SER B 17 -10.46 -9.88 -19.71
CA SER B 17 -10.49 -8.45 -19.85
C SER B 17 -11.49 -7.97 -18.84
N VAL B 18 -11.43 -6.70 -18.50
CA VAL B 18 -12.43 -6.13 -17.62
C VAL B 18 -12.78 -4.74 -18.13
N LYS B 19 -14.05 -4.39 -18.02
CA LYS B 19 -14.51 -3.08 -18.45
C LYS B 19 -15.01 -2.30 -17.25
N ILE B 20 -14.32 -1.19 -16.93
CA ILE B 20 -14.57 -0.36 -15.74
C ILE B 20 -15.40 0.83 -16.17
N SER B 21 -16.38 1.25 -15.36
CA SER B 21 -17.23 2.39 -15.74
C SER B 21 -17.04 3.60 -14.85
N CYS B 22 -17.39 4.76 -15.39
CA CYS B 22 -17.31 6.03 -14.71
C CYS B 22 -18.48 6.86 -15.16
N LYS B 23 -19.46 7.03 -14.29
CA LYS B 23 -20.70 7.75 -14.66
C LYS B 23 -20.63 9.20 -14.22
N ALA B 24 -20.82 10.11 -15.16
CA ALA B 24 -20.68 11.55 -14.89
C ALA B 24 -21.98 12.25 -14.56
N SER B 25 -21.99 13.07 -13.51
CA SER B 25 -23.17 13.89 -13.28
C SER B 25 -22.77 15.26 -12.83
N GLY B 26 -23.71 16.21 -12.92
CA GLY B 26 -23.49 17.53 -12.35
C GLY B 26 -22.78 18.44 -13.31
N TYR B 27 -22.56 17.95 -14.52
CA TYR B 27 -22.06 18.78 -15.61
C TYR B 27 -22.50 18.12 -16.92
N THR B 28 -22.27 18.81 -18.03
CA THR B 28 -22.63 18.32 -19.36
C THR B 28 -21.54 17.41 -19.90
N PHE B 29 -21.89 16.12 -19.99
CA PHE B 29 -20.94 15.07 -20.31
C PHE B 29 -20.08 15.38 -21.54
N THR B 30 -20.67 15.92 -22.60
CA THR B 30 -19.92 16.11 -23.85
C THR B 30 -19.18 17.43 -23.92
N ASP B 31 -19.19 18.20 -22.84
CA ASP B 31 -18.38 19.43 -22.81
C ASP B 31 -16.92 19.17 -22.46
N TYR B 32 -16.60 17.98 -21.97
CA TYR B 32 -15.23 17.69 -21.50
C TYR B 32 -14.79 16.27 -21.84
N ASN B 33 -13.52 16.08 -22.07
CA ASN B 33 -13.01 14.74 -22.19
C ASN B 33 -13.16 14.01 -20.84
N MET B 34 -13.06 12.68 -20.88
CA MET B 34 -12.86 11.91 -19.66
C MET B 34 -11.44 11.35 -19.71
N ASP B 35 -10.69 11.51 -18.61
CA ASP B 35 -9.36 10.98 -18.53
C ASP B 35 -9.35 9.77 -17.61
N TRP B 36 -8.28 8.97 -17.70
CA TRP B 36 -8.12 7.80 -16.84
C TRP B 36 -6.66 7.74 -16.36
N VAL B 37 -6.51 7.30 -15.12
CA VAL B 37 -5.23 7.29 -14.43
C VAL B 37 -5.10 5.98 -13.64
N LYS B 38 -3.91 5.40 -13.68
CA LYS B 38 -3.60 4.19 -12.90
C LYS B 38 -2.76 4.55 -11.69
N GLN B 39 -3.03 3.90 -10.56
CA GLN B 39 -2.17 4.03 -9.42
C GLN B 39 -2.00 2.67 -8.78
N SER B 40 -0.83 2.09 -8.99
CA SER B 40 -0.44 0.86 -8.32
C SER B 40 -0.23 1.15 -6.86
N HIS B 41 -0.37 0.11 -6.04
CA HIS B 41 -0.30 0.27 -4.59
C HIS B 41 1.03 0.84 -4.16
N GLY B 42 0.97 1.93 -3.39
CA GLY B 42 2.14 2.59 -2.86
C GLY B 42 2.94 3.38 -3.86
N LYS B 43 2.39 3.55 -5.06
CA LYS B 43 3.09 4.19 -6.16
C LYS B 43 2.37 5.47 -6.65
N SER B 44 2.91 6.07 -7.71
CA SER B 44 2.40 7.35 -8.14
C SER B 44 1.28 7.24 -9.16
N LEU B 45 0.78 8.40 -9.56
CA LEU B 45 -0.26 8.52 -10.57
C LEU B 45 0.33 8.40 -11.96
N GLN B 46 -0.28 7.57 -12.80
CA GLN B 46 0.14 7.45 -14.20
C GLN B 46 -1.03 7.73 -15.13
N TRP B 47 -0.84 8.65 -16.05
CA TRP B 47 -1.87 8.89 -17.06
C TRP B 47 -2.03 7.74 -18.04
N ILE B 48 -3.26 7.31 -18.26
CA ILE B 48 -3.54 6.23 -19.17
C ILE B 48 -3.95 6.78 -20.55
N GLY B 49 -4.92 7.66 -20.57
CA GLY B 49 -5.48 8.11 -21.83
C GLY B 49 -6.68 8.98 -21.60
N ASP B 50 -7.21 9.55 -22.68
CA ASP B 50 -8.48 10.26 -22.58
C ASP B 50 -9.38 10.00 -23.78
N ILE B 51 -10.62 10.42 -23.64
CA ILE B 51 -11.62 10.24 -24.69
C ILE B 51 -12.52 11.48 -24.78
N SER B 52 -12.91 11.82 -26.00
CA SER B 52 -13.88 12.88 -26.24
C SER B 52 -15.25 12.28 -26.31
N PRO B 53 -16.12 12.63 -25.37
CA PRO B 53 -17.38 11.88 -25.37
C PRO B 53 -18.27 12.23 -26.55
N TYR B 54 -18.09 13.40 -27.13
CA TYR B 54 -18.96 13.78 -28.24
C TYR B 54 -18.51 13.14 -29.55
N TYR B 55 -17.21 13.11 -29.80
CA TYR B 55 -16.65 12.56 -31.04
C TYR B 55 -16.17 11.13 -30.93
N GLY B 56 -15.91 10.65 -29.70
CA GLY B 56 -15.37 9.30 -29.49
C GLY B 56 -13.89 9.12 -29.75
N SER B 57 -13.22 10.20 -30.16
CA SER B 57 -11.78 10.14 -30.44
C SER B 57 -11.00 9.99 -29.13
N THR B 58 -9.80 9.42 -29.18
CA THR B 58 -9.08 9.07 -27.96
C THR B 58 -7.60 9.38 -28.08
N GLY B 59 -6.93 9.41 -26.94
CA GLY B 59 -5.49 9.55 -26.89
C GLY B 59 -4.97 8.66 -25.77
N TYR B 60 -3.75 8.15 -25.92
CA TYR B 60 -3.18 7.20 -24.97
C TYR B 60 -1.71 7.49 -24.70
N SER B 61 -1.26 7.25 -23.48
CA SER B 61 0.18 7.23 -23.24
C SER B 61 0.71 6.02 -23.95
N GLN B 62 1.98 6.05 -24.33
CA GLN B 62 2.52 4.90 -25.04
C GLN B 62 2.56 3.68 -24.12
N LYS B 63 2.70 3.90 -22.81
CA LYS B 63 2.74 2.76 -21.90
C LYS B 63 1.42 1.97 -21.89
N PHE B 64 0.30 2.64 -22.07
CA PHE B 64 -0.98 1.96 -21.96
C PHE B 64 -1.75 1.76 -23.25
N LYS B 65 -1.31 2.42 -24.33
CA LYS B 65 -1.94 2.22 -25.61
C LYS B 65 -2.04 0.73 -25.88
N GLY B 66 -3.22 0.26 -26.23
CA GLY B 66 -3.39 -1.17 -26.46
C GLY B 66 -3.68 -2.04 -25.26
N LYS B 67 -3.20 -1.67 -24.08
CA LYS B 67 -3.63 -2.35 -22.85
C LYS B 67 -5.03 -1.81 -22.46
N ALA B 68 -5.20 -0.50 -22.59
CA ALA B 68 -6.49 0.14 -22.28
C ALA B 68 -7.24 0.55 -23.55
N THR B 69 -8.56 0.33 -23.58
CA THR B 69 -9.39 0.89 -24.65
C THR B 69 -10.50 1.73 -24.05
N LEU B 70 -10.61 2.98 -24.46
CA LEU B 70 -11.62 3.86 -23.86
C LEU B 70 -12.83 3.97 -24.78
N THR B 71 -14.02 3.92 -24.19
CA THR B 71 -15.27 4.16 -24.92
C THR B 71 -16.19 5.03 -24.09
N VAL B 72 -17.28 5.49 -24.70
CA VAL B 72 -18.35 6.17 -23.94
C VAL B 72 -19.72 5.69 -24.42
N ASP B 73 -20.68 5.80 -23.52
CA ASP B 73 -22.12 5.70 -23.85
C ASP B 73 -22.75 7.06 -23.55
N ARG B 74 -22.98 7.87 -24.59
CA ARG B 74 -23.48 9.23 -24.38
C ARG B 74 -24.82 9.23 -23.67
N SER B 75 -25.67 8.29 -24.00
CA SER B 75 -27.03 8.31 -23.46
C SER B 75 -27.08 8.01 -21.96
N SER B 76 -26.05 7.33 -21.44
CA SER B 76 -25.99 7.07 -20.01
C SER B 76 -24.92 7.92 -19.31
N SER B 77 -24.33 8.86 -20.04
CA SER B 77 -23.29 9.72 -19.53
C SER B 77 -22.21 8.89 -18.88
N THR B 78 -21.83 7.77 -19.49
CA THR B 78 -20.89 6.86 -18.88
C THR B 78 -19.65 6.67 -19.74
N ALA B 79 -18.49 6.79 -19.10
CA ALA B 79 -17.22 6.45 -19.74
C ALA B 79 -16.75 5.09 -19.29
N TYR B 80 -16.19 4.32 -20.21
CA TYR B 80 -15.67 3.01 -19.91
C TYR B 80 -14.19 2.89 -20.26
N MET B 81 -13.49 2.07 -19.48
CA MET B 81 -12.14 1.71 -19.83
C MET B 81 -12.02 0.22 -19.77
N GLU B 82 -11.66 -0.38 -20.89
CA GLU B 82 -11.49 -1.81 -20.93
C GLU B 82 -10.02 -2.14 -20.87
N LEU B 83 -9.64 -2.93 -19.88
CA LEU B 83 -8.28 -3.44 -19.78
C LEU B 83 -8.25 -4.85 -20.32
N ARG B 84 -7.28 -5.13 -21.19
CA ARG B 84 -7.23 -6.41 -21.91
C ARG B 84 -6.15 -7.32 -21.32
N SER B 85 -6.40 -8.63 -21.40
CA SER B 85 -5.37 -9.61 -21.11
C SER B 85 -4.63 -9.32 -19.79
N LEU B 86 -5.37 -9.38 -18.70
CA LEU B 86 -4.87 -8.97 -17.40
C LEU B 86 -3.76 -9.85 -16.84
N THR B 87 -2.79 -9.20 -16.21
CA THR B 87 -1.77 -9.87 -15.41
C THR B 87 -1.73 -9.21 -14.04
N SER B 88 -0.90 -9.76 -13.15
CA SER B 88 -0.82 -9.22 -11.81
C SER B 88 -0.27 -7.79 -11.86
N GLU B 89 0.42 -7.41 -12.91
CA GLU B 89 0.92 -6.03 -13.00
C GLU B 89 -0.22 -5.01 -13.15
N ASP B 90 -1.41 -5.52 -13.45
CA ASP B 90 -2.57 -4.65 -13.69
C ASP B 90 -3.39 -4.44 -12.43
N THR B 91 -3.05 -5.14 -11.35
CA THR B 91 -3.75 -4.98 -10.10
C THR B 91 -3.36 -3.64 -9.55
N ALA B 92 -4.36 -2.79 -9.36
CA ALA B 92 -4.15 -1.38 -9.07
C ALA B 92 -5.50 -0.67 -8.96
N VAL B 93 -5.44 0.59 -8.55
CA VAL B 93 -6.61 1.45 -8.54
C VAL B 93 -6.63 2.24 -9.84
N TYR B 94 -7.80 2.30 -10.47
CA TYR B 94 -7.98 3.02 -11.73
C TYR B 94 -9.00 4.12 -11.53
N TYR B 95 -8.54 5.37 -11.68
CA TYR B 95 -9.37 6.54 -11.55
C TYR B 95 -9.89 7.01 -12.88
N CYS B 96 -11.12 7.50 -12.90
CA CYS B 96 -11.47 8.46 -13.97
C CYS B 96 -11.33 9.85 -13.40
N ALA B 97 -11.10 10.83 -14.27
CA ALA B 97 -10.94 12.20 -13.86
C ALA B 97 -11.34 13.14 -14.99
N ARG B 98 -11.72 14.36 -14.62
CA ARG B 98 -12.14 15.37 -15.60
C ARG B 98 -11.34 16.62 -15.36
N ARG B 99 -10.81 17.17 -16.45
CA ARG B 99 -10.00 18.35 -16.40
C ARG B 99 -10.82 19.63 -16.26
N ASN B 100 -10.10 20.73 -16.09
CA ASN B 100 -10.74 22.04 -16.01
C ASN B 100 -11.05 22.51 -17.42
N TYR B 101 -11.61 23.72 -17.50
CA TYR B 101 -12.01 24.35 -18.75
C TYR B 101 -10.99 24.19 -19.88
N ASP B 102 -9.74 24.53 -19.62
CA ASP B 102 -8.75 24.55 -20.68
C ASP B 102 -7.92 23.28 -20.80
N GLY B 103 -8.29 22.24 -20.07
CA GLY B 103 -7.68 20.94 -20.26
C GLY B 103 -6.28 20.84 -19.68
N SER B 104 -5.99 21.63 -18.66
CA SER B 104 -4.61 21.73 -18.14
C SER B 104 -4.37 20.87 -16.90
N TRP B 105 -5.35 20.93 -16.00
CA TRP B 105 -5.26 20.22 -14.72
C TRP B 105 -6.48 19.38 -14.44
N PHE B 106 -6.41 18.54 -13.41
CA PHE B 106 -7.48 17.61 -13.11
C PHE B 106 -8.38 18.16 -12.03
N ALA B 107 -9.55 18.58 -12.46
CA ALA B 107 -10.48 19.29 -11.59
C ALA B 107 -11.28 18.37 -10.67
N TYR B 108 -11.67 17.21 -11.19
CA TYR B 108 -12.48 16.29 -10.47
C TYR B 108 -11.94 14.87 -10.64
N TRP B 109 -12.05 14.06 -9.60
CA TRP B 109 -11.63 12.67 -9.65
C TRP B 109 -12.76 11.75 -9.17
N GLY B 110 -12.86 10.59 -9.81
CA GLY B 110 -13.62 9.47 -9.23
C GLY B 110 -12.92 8.95 -7.99
N GLN B 111 -13.57 8.04 -7.28
CA GLN B 111 -12.98 7.48 -6.10
C GLN B 111 -11.90 6.45 -6.41
N GLY B 112 -11.86 6.00 -7.65
CA GLY B 112 -10.95 4.96 -8.10
C GLY B 112 -11.55 3.58 -7.87
N THR B 113 -11.42 2.72 -8.88
CA THR B 113 -11.85 1.35 -8.80
C THR B 113 -10.64 0.47 -8.61
N LEU B 114 -10.62 -0.26 -7.50
CA LEU B 114 -9.57 -1.26 -7.30
C LEU B 114 -9.84 -2.45 -8.20
N VAL B 115 -8.90 -2.78 -9.06
CA VAL B 115 -8.99 -3.97 -9.90
C VAL B 115 -7.99 -4.99 -9.41
N THR B 116 -8.50 -6.12 -8.94
CA THR B 116 -7.67 -7.19 -8.43
C THR B 116 -7.67 -8.34 -9.41
N VAL B 117 -6.48 -8.82 -9.75
CA VAL B 117 -6.35 -9.91 -10.72
C VAL B 117 -6.00 -11.18 -9.99
N SER B 118 -6.85 -12.19 -10.07
CA SER B 118 -6.58 -13.48 -9.39
C SER B 118 -7.39 -14.57 -10.02
N SER B 119 -6.80 -15.76 -10.11
CA SER B 119 -7.51 -16.89 -10.67
C SER B 119 -8.28 -17.68 -9.62
N ALA B 120 -8.19 -17.28 -8.37
CA ALA B 120 -8.78 -18.06 -7.29
C ALA B 120 -10.30 -18.00 -7.19
N LYS B 121 -10.88 -19.05 -6.63
CA LYS B 121 -12.28 -19.01 -6.19
C LYS B 121 -12.28 -18.86 -4.67
N THR B 122 -13.46 -18.72 -4.07
CA THR B 122 -13.54 -18.50 -2.63
C THR B 122 -12.82 -19.62 -1.91
N THR B 123 -11.91 -19.26 -1.01
CA THR B 123 -11.03 -20.20 -0.37
C THR B 123 -10.89 -19.81 1.09
N ALA B 124 -11.14 -20.78 1.98
CA ALA B 124 -11.02 -20.55 3.41
C ALA B 124 -9.56 -20.48 3.81
N PRO B 125 -9.24 -19.60 4.78
CA PRO B 125 -7.87 -19.54 5.29
C PRO B 125 -7.55 -20.77 6.14
N SER B 126 -6.26 -21.07 6.22
CA SER B 126 -5.72 -21.90 7.28
C SER B 126 -5.20 -20.93 8.33
N VAL B 127 -5.58 -21.14 9.59
CA VAL B 127 -5.17 -20.24 10.66
C VAL B 127 -4.18 -20.96 11.55
N TYR B 128 -2.96 -20.43 11.65
CA TYR B 128 -1.88 -21.12 12.37
C TYR B 128 -1.39 -20.29 13.57
N PRO B 129 -1.21 -20.95 14.72
CA PRO B 129 -0.72 -20.21 15.89
C PRO B 129 0.78 -19.99 15.79
N LEU B 130 1.25 -18.80 16.20
CA LEU B 130 2.67 -18.47 16.19
C LEU B 130 3.12 -18.32 17.63
N ALA B 131 3.80 -19.36 18.12
CA ALA B 131 4.34 -19.32 19.48
C ALA B 131 5.87 -19.19 19.41
N PRO B 132 6.46 -18.54 20.42
CA PRO B 132 7.91 -18.36 20.54
C PRO B 132 8.64 -19.69 20.63
N VAL B 133 9.88 -19.71 20.15
CA VAL B 133 10.75 -20.87 20.34
C VAL B 133 11.13 -20.97 21.82
N CYS B 134 11.10 -22.19 22.37
CA CYS B 134 11.33 -22.37 23.82
C CYS B 134 12.71 -21.91 24.28
N GLY B 135 12.91 -21.89 25.59
CA GLY B 135 14.21 -21.56 26.16
C GLY B 135 14.41 -20.08 26.41
N ASP B 136 14.46 -19.29 25.34
CA ASP B 136 14.69 -17.84 25.43
C ASP B 136 13.40 -17.11 25.73
N THR B 137 12.93 -17.26 26.97
CA THR B 137 11.84 -16.46 27.52
C THR B 137 12.30 -15.02 27.68
N THR B 138 13.58 -14.77 27.39
CA THR B 138 14.17 -13.45 27.52
C THR B 138 13.61 -12.75 28.77
N GLY B 139 13.33 -11.45 28.67
CA GLY B 139 12.82 -10.72 29.81
C GLY B 139 11.97 -9.54 29.42
N SER B 140 10.83 -9.43 30.08
CA SER B 140 9.93 -8.28 29.99
C SER B 140 8.67 -8.63 29.22
N SER B 141 8.75 -8.61 27.89
CA SER B 141 7.58 -8.85 27.06
C SER B 141 7.74 -10.11 26.22
N VAL B 142 6.62 -10.65 25.74
CA VAL B 142 6.66 -11.79 24.85
C VAL B 142 5.70 -11.47 23.73
N THR B 143 6.06 -11.90 22.52
CA THR B 143 5.25 -11.60 21.36
C THR B 143 4.72 -12.92 20.80
N LEU B 144 3.43 -12.93 20.51
CA LEU B 144 2.77 -14.11 19.95
C LEU B 144 2.23 -13.69 18.61
N GLY B 145 1.77 -14.63 17.80
CA GLY B 145 1.11 -14.25 16.58
C GLY B 145 0.12 -15.26 16.04
N CYS B 146 -0.51 -14.83 14.97
CA CYS B 146 -1.47 -15.60 14.25
CA CYS B 146 -1.48 -15.62 14.24
C CYS B 146 -1.21 -15.41 12.75
N LEU B 147 -1.08 -16.52 12.02
CA LEU B 147 -0.89 -16.53 10.59
C LEU B 147 -2.15 -17.04 9.88
N VAL B 148 -2.75 -16.18 9.06
CA VAL B 148 -3.96 -16.48 8.34
C VAL B 148 -3.63 -16.60 6.87
N LYS B 149 -3.51 -17.83 6.41
CA LYS B 149 -2.84 -18.08 5.14
C LYS B 149 -3.71 -18.77 4.08
N GLY B 150 -3.61 -18.25 2.86
CA GLY B 150 -4.20 -18.87 1.69
C GLY B 150 -5.70 -18.69 1.59
N TYR B 151 -6.20 -17.46 1.77
CA TYR B 151 -7.64 -17.25 1.65
C TYR B 151 -7.98 -16.37 0.46
N PHE B 152 -9.24 -16.40 0.09
CA PHE B 152 -9.71 -15.55 -1.01
C PHE B 152 -11.24 -15.46 -1.00
N PRO B 153 -11.81 -14.26 -1.24
CA PRO B 153 -11.16 -12.96 -1.38
C PRO B 153 -11.10 -12.24 -0.04
N GLU B 154 -10.67 -10.97 -0.05
CA GLU B 154 -10.82 -10.14 1.13
C GLU B 154 -12.31 -9.96 1.42
N PRO B 155 -12.65 -9.64 2.66
CA PRO B 155 -11.74 -9.43 3.81
C PRO B 155 -11.77 -10.58 4.82
N VAL B 156 -10.89 -10.51 5.82
CA VAL B 156 -11.02 -11.29 7.04
C VAL B 156 -11.10 -10.34 8.22
N THR B 157 -11.57 -10.84 9.34
CA THR B 157 -11.49 -10.09 10.59
C THR B 157 -10.66 -10.91 11.57
N LEU B 158 -9.80 -10.23 12.33
CA LEU B 158 -8.94 -10.90 13.28
C LEU B 158 -8.96 -10.08 14.56
N THR B 159 -9.25 -10.74 15.67
CA THR B 159 -9.11 -10.16 17.00
C THR B 159 -8.36 -11.10 17.91
N TRP B 160 -7.99 -10.59 19.09
CA TRP B 160 -7.32 -11.36 20.13
C TRP B 160 -8.20 -11.32 21.38
N ASN B 161 -8.36 -12.49 21.99
CA ASN B 161 -9.24 -12.66 23.14
C ASN B 161 -10.58 -11.96 22.97
N SER B 162 -11.21 -12.23 21.82
CA SER B 162 -12.53 -11.72 21.46
C SER B 162 -12.60 -10.21 21.47
N GLY B 163 -11.48 -9.55 21.26
CA GLY B 163 -11.45 -8.09 21.24
C GLY B 163 -11.03 -7.44 22.55
N SER B 164 -10.88 -8.23 23.60
CA SER B 164 -10.45 -7.74 24.91
C SER B 164 -8.98 -7.38 24.96
N LEU B 165 -8.18 -8.07 24.17
CA LEU B 165 -6.77 -7.73 24.06
C LEU B 165 -6.59 -6.93 22.78
N SER B 166 -6.39 -5.61 22.92
CA SER B 166 -6.35 -4.73 21.76
C SER B 166 -5.11 -3.84 21.73
N SER B 167 -4.46 -3.71 22.88
CA SER B 167 -3.22 -2.94 22.95
C SER B 167 -2.10 -3.90 22.65
N GLY B 168 -1.06 -3.40 22.01
CA GLY B 168 0.11 -4.20 21.73
C GLY B 168 -0.11 -5.14 20.56
N VAL B 169 -1.12 -4.85 19.74
CA VAL B 169 -1.46 -5.64 18.56
C VAL B 169 -0.97 -4.96 17.28
N HIS B 170 -0.42 -5.73 16.34
CA HIS B 170 -0.19 -5.22 14.98
C HIS B 170 -0.82 -6.20 14.02
N THR B 171 -1.89 -5.82 13.36
CA THR B 171 -2.45 -6.67 12.33
C THR B 171 -2.02 -6.15 10.99
N PHE B 172 -1.31 -6.97 10.22
CA PHE B 172 -0.65 -6.49 9.02
C PHE B 172 -1.55 -6.61 7.79
N PRO B 173 -1.47 -5.63 6.88
CA PRO B 173 -2.27 -5.68 5.65
C PRO B 173 -2.04 -6.98 4.92
N ALA B 174 -3.08 -7.54 4.30
CA ALA B 174 -2.95 -8.79 3.59
C ALA B 174 -2.12 -8.56 2.33
N VAL B 175 -1.48 -9.62 1.85
CA VAL B 175 -0.70 -9.60 0.63
C VAL B 175 -1.19 -10.72 -0.26
N LEU B 176 -1.35 -10.40 -1.53
CA LEU B 176 -1.78 -11.34 -2.57
C LEU B 176 -0.56 -11.93 -3.24
N GLN B 177 -0.49 -13.27 -3.29
CA GLN B 177 0.62 -13.99 -3.90
C GLN B 177 0.08 -15.32 -4.38
N SER B 178 0.41 -15.71 -5.62
CA SER B 178 -0.14 -16.94 -6.19
C SER B 178 -1.63 -17.06 -5.98
N ASP B 179 -2.35 -15.98 -6.29
CA ASP B 179 -3.81 -15.94 -6.33
C ASP B 179 -4.51 -15.83 -4.96
N LEU B 180 -3.79 -16.09 -3.87
CA LEU B 180 -4.39 -16.09 -2.54
C LEU B 180 -3.76 -15.05 -1.61
N TYR B 181 -4.54 -14.68 -0.60
CA TYR B 181 -4.10 -13.70 0.36
C TYR B 181 -3.50 -14.38 1.56
N THR B 182 -2.54 -13.71 2.15
CA THR B 182 -2.00 -14.10 3.45
C THR B 182 -1.90 -12.89 4.36
N LEU B 183 -2.32 -13.07 5.61
CA LEU B 183 -2.34 -12.00 6.60
C LEU B 183 -1.67 -12.53 7.87
N SER B 184 -1.02 -11.67 8.65
CA SER B 184 -0.54 -12.08 9.96
C SER B 184 -0.85 -11.01 10.98
N SER B 185 -0.75 -11.34 12.26
CA SER B 185 -0.98 -10.38 13.33
C SER B 185 -0.11 -10.74 14.52
N SER B 186 0.51 -9.74 15.13
CA SER B 186 1.27 -9.99 16.34
C SER B 186 0.57 -9.37 17.54
N VAL B 187 0.79 -9.95 18.72
CA VAL B 187 0.36 -9.32 19.95
C VAL B 187 1.44 -9.47 20.97
N THR B 188 1.67 -8.39 21.71
CA THR B 188 2.76 -8.35 22.66
C THR B 188 2.23 -8.10 24.04
N VAL B 189 2.64 -8.95 25.00
CA VAL B 189 2.17 -8.82 26.37
C VAL B 189 3.33 -8.97 27.35
N THR B 190 3.11 -8.52 28.58
CA THR B 190 4.15 -8.68 29.60
C THR B 190 4.42 -10.17 29.79
N SER B 191 5.69 -10.50 30.04
CA SER B 191 6.15 -11.87 29.92
C SER B 191 5.57 -12.76 31.01
N SER B 192 5.21 -12.16 32.14
CA SER B 192 4.58 -12.90 33.25
C SER B 192 3.10 -13.26 32.98
N THR B 193 2.53 -12.69 31.91
CA THR B 193 1.12 -12.84 31.52
C THR B 193 0.85 -14.14 30.74
N TRP B 194 1.87 -14.70 30.12
CA TRP B 194 1.65 -15.80 29.19
C TRP B 194 2.85 -16.70 29.29
N PRO B 195 2.63 -18.04 29.27
CA PRO B 195 1.36 -18.71 28.99
C PRO B 195 0.49 -18.94 30.20
N SER B 196 0.81 -18.32 31.33
CA SER B 196 -0.01 -18.48 32.53
C SER B 196 -1.42 -18.03 32.22
N GLN B 197 -1.57 -17.03 31.36
CA GLN B 197 -2.91 -16.61 30.92
C GLN B 197 -3.13 -16.89 29.44
N SER B 198 -4.35 -17.26 29.10
CA SER B 198 -4.62 -17.75 27.75
C SER B 198 -4.72 -16.61 26.74
N ILE B 199 -4.13 -16.80 25.58
CA ILE B 199 -4.30 -15.86 24.48
C ILE B 199 -4.78 -16.57 23.23
N THR B 200 -5.82 -16.04 22.61
CA THR B 200 -6.46 -16.69 21.48
C THR B 200 -6.68 -15.72 20.30
N CYS B 201 -6.33 -16.20 19.11
CA CYS B 201 -6.57 -15.53 17.84
C CYS B 201 -7.97 -15.88 17.33
N ASN B 202 -8.84 -14.88 17.11
CA ASN B 202 -10.18 -15.10 16.54
C ASN B 202 -10.26 -14.61 15.10
N VAL B 203 -10.43 -15.54 14.17
CA VAL B 203 -10.40 -15.22 12.76
C VAL B 203 -11.71 -15.58 12.06
N ALA B 204 -12.27 -14.64 11.33
CA ALA B 204 -13.45 -14.93 10.52
C ALA B 204 -13.18 -14.53 9.09
N HIS B 205 -13.68 -15.35 8.15
CA HIS B 205 -13.61 -15.07 6.72
C HIS B 205 -15.03 -15.25 6.21
N PRO B 206 -15.80 -14.16 6.21
CA PRO B 206 -17.20 -14.24 5.83
C PRO B 206 -17.47 -14.96 4.50
N ALA B 207 -16.68 -14.72 3.47
CA ALA B 207 -16.94 -15.33 2.16
C ALA B 207 -17.02 -16.86 2.21
N SER B 208 -16.20 -17.49 3.04
CA SER B 208 -16.23 -18.94 3.18
C SER B 208 -16.98 -19.43 4.42
N SER B 209 -17.59 -18.48 5.15
CA SER B 209 -18.27 -18.77 6.42
C SER B 209 -17.34 -19.52 7.40
N THR B 210 -16.07 -19.16 7.39
CA THR B 210 -15.05 -19.70 8.30
C THR B 210 -15.08 -18.89 9.58
N LYS B 211 -15.02 -19.57 10.72
CA LYS B 211 -14.74 -18.91 11.99
C LYS B 211 -13.89 -19.82 12.81
N VAL B 212 -12.74 -19.32 13.28
CA VAL B 212 -11.78 -20.16 13.99
C VAL B 212 -11.26 -19.43 15.21
N ASP B 213 -11.26 -20.13 16.35
CA ASP B 213 -10.59 -19.65 17.55
C ASP B 213 -9.37 -20.53 17.77
N LYS B 214 -8.19 -19.94 17.60
CA LYS B 214 -6.92 -20.66 17.77
C LYS B 214 -6.22 -20.16 19.02
N LYS B 215 -6.18 -20.99 20.05
CA LYS B 215 -5.40 -20.67 21.24
C LYS B 215 -3.92 -20.80 20.93
N ILE B 216 -3.11 -19.86 21.42
CA ILE B 216 -1.68 -19.95 21.26
C ILE B 216 -1.07 -20.73 22.44
N GLU B 217 -0.52 -21.89 22.15
CA GLU B 217 0.03 -22.79 23.15
C GLU B 217 1.52 -22.74 23.07
N PRO B 218 2.19 -22.80 24.22
CA PRO B 218 3.66 -22.80 24.18
C PRO B 218 4.10 -24.03 23.42
N ARG B 219 5.24 -24.00 22.76
CA ARG B 219 5.54 -25.11 21.85
C ARG B 219 6.62 -26.05 22.37
#